data_8R2Y
#
_entry.id   8R2Y
#
_cell.length_a   44.430
_cell.length_b   45.850
_cell.length_c   116.880
_cell.angle_alpha   90.000
_cell.angle_beta   90.000
_cell.angle_gamma   90.000
#
_symmetry.space_group_name_H-M   'P 21 21 21'
#
loop_
_entity.id
_entity.type
_entity.pdbx_description
1 polymer Beta-lactamase
2 non-polymer 2,1-benzoxaborol-1(3H)-ol
3 non-polymer 'DIMETHYL SULFOXIDE'
4 non-polymer GLYCEROL
5 non-polymer 'SULFATE ION'
6 non-polymer 'CHLORIDE ION'
7 non-polymer 'SODIUM ION'
8 water water
#
_entity_poly.entity_id   1
_entity_poly.type   'polypeptide(L)'
_entity_poly.pdbx_seq_one_letter_code
;GPQTADVQQKLAELERQSGGRLGVALINTADNSQILYRADERFAMCSTSKVMAAAAVLKKSESEPNLLNQRVEIKKSDLV
NYNPIAEKHVNGTMSLAELSAAALQYSDNVAMNKLIAHVGGPASVTAFARQLGDETFRLDRTEPTLNTAIPGDPRDTTSP
RAMAQTLRNLTLGKALGDSQRAQLVTWMKGNTTGAASIQAGLPASWVVGDKTGSGGYGTTNDIAVIWPKDRAPLILVTYF
TQPQPKAESRRDVLASAAKIVTDGL
;
_entity_poly.pdbx_strand_id   A
#
loop_
_chem_comp.id
_chem_comp.type
_chem_comp.name
_chem_comp.formula
6M9 non-polymer 2,1-benzoxaborol-1(3H)-ol 'C7 H7 B O2'
CL non-polymer 'CHLORIDE ION' 'Cl -1'
DMS non-polymer 'DIMETHYL SULFOXIDE' 'C2 H6 O S'
GOL non-polymer GLYCEROL 'C3 H8 O3'
NA non-polymer 'SODIUM ION' 'Na 1'
SO4 non-polymer 'SULFATE ION' 'O4 S -2'
#
# COMPACT_ATOMS: atom_id res chain seq x y z
N ALA A 5 24.00 10.34 -4.30
CA ALA A 5 24.36 10.74 -5.65
C ALA A 5 24.51 9.53 -6.54
N ASP A 6 25.32 8.56 -6.10
CA ASP A 6 25.38 7.29 -6.83
C ASP A 6 24.02 6.60 -6.82
N VAL A 7 23.32 6.62 -5.67
N VAL A 7 23.33 6.61 -5.67
CA VAL A 7 21.99 6.02 -5.61
CA VAL A 7 22.00 6.02 -5.61
C VAL A 7 21.05 6.74 -6.55
C VAL A 7 21.07 6.74 -6.57
N GLN A 8 21.18 8.07 -6.64
CA GLN A 8 20.33 8.84 -7.54
C GLN A 8 20.63 8.51 -9.00
N GLN A 9 21.90 8.37 -9.35
CA GLN A 9 22.24 8.00 -10.71
C GLN A 9 21.70 6.61 -11.04
N LYS A 10 21.78 5.67 -10.10
CA LYS A 10 21.28 4.33 -10.35
C LYS A 10 19.75 4.33 -10.51
N LEU A 11 19.03 5.11 -9.70
CA LEU A 11 17.58 5.16 -9.87
C LEU A 11 17.20 5.80 -11.21
N ALA A 12 17.92 6.85 -11.60
CA ALA A 12 17.62 7.47 -12.89
C ALA A 12 17.89 6.49 -14.03
N GLU A 13 18.98 5.73 -13.93
CA GLU A 13 19.28 4.73 -14.95
C GLU A 13 18.21 3.66 -15.00
N LEU A 14 17.76 3.19 -13.83
CA LEU A 14 16.68 2.21 -13.79
C LEU A 14 15.42 2.77 -14.46
N GLU A 15 15.07 4.01 -14.12
CA GLU A 15 13.86 4.59 -14.70
C GLU A 15 14.00 4.67 -16.21
N ARG A 16 15.15 5.13 -16.70
CA ARG A 16 15.34 5.24 -18.14
C ARG A 16 15.17 3.88 -18.81
N GLN A 17 15.81 2.85 -18.26
N GLN A 17 15.83 2.86 -18.26
CA GLN A 17 15.73 1.52 -18.87
CA GLN A 17 15.72 1.52 -18.85
C GLN A 17 14.30 0.99 -18.83
C GLN A 17 14.28 1.04 -18.86
N SER A 18 13.53 1.33 -17.79
CA SER A 18 12.20 0.79 -17.65
C SER A 18 11.22 1.36 -18.65
N GLY A 19 11.48 2.55 -19.17
CA GLY A 19 10.56 3.22 -20.07
C GLY A 19 9.43 3.97 -19.41
N GLY A 20 9.28 3.87 -18.08
CA GLY A 20 8.19 4.52 -17.39
C GLY A 20 8.60 5.62 -16.45
N ARG A 21 7.77 5.85 -15.44
CA ARG A 21 7.97 6.88 -14.43
C ARG A 21 8.00 6.20 -13.08
N LEU A 22 9.10 6.39 -12.35
CA LEU A 22 9.42 5.70 -11.11
C LEU A 22 9.39 6.71 -9.96
N GLY A 23 8.75 6.33 -8.86
CA GLY A 23 8.74 7.12 -7.64
C GLY A 23 9.18 6.29 -6.47
N VAL A 24 10.13 6.79 -5.71
CA VAL A 24 10.70 6.04 -4.59
C VAL A 24 10.80 6.95 -3.37
N ALA A 25 10.43 6.41 -2.21
CA ALA A 25 10.76 7.05 -0.94
C ALA A 25 11.14 5.97 0.05
N LEU A 26 12.39 6.02 0.52
CA LEU A 26 12.90 5.19 1.60
C LEU A 26 13.08 6.06 2.83
N ILE A 27 12.54 5.63 3.97
CA ILE A 27 12.87 6.22 5.26
C ILE A 27 13.69 5.20 6.03
N ASN A 28 14.88 5.59 6.47
CA ASN A 28 15.73 4.72 7.27
C ASN A 28 15.66 5.19 8.71
N THR A 29 14.98 4.43 9.57
CA THR A 29 14.83 4.88 10.96
C THR A 29 16.10 4.74 11.78
N ALA A 30 17.17 4.12 11.24
CA ALA A 30 18.43 4.08 11.96
C ALA A 30 18.97 5.48 12.21
N ASP A 31 18.88 6.36 11.20
CA ASP A 31 19.46 7.71 11.29
C ASP A 31 18.48 8.80 10.86
N ASN A 32 17.20 8.46 10.69
CA ASN A 32 16.18 9.43 10.30
C ASN A 32 16.47 10.05 8.95
N SER A 33 17.05 9.28 8.04
CA SER A 33 17.36 9.75 6.71
C SER A 33 16.34 9.23 5.69
N GLN A 34 16.38 9.84 4.52
N GLN A 34 16.42 9.78 4.50
CA GLN A 34 15.51 9.49 3.41
CA GLN A 34 15.52 9.36 3.44
C GLN A 34 16.31 9.37 2.12
C GLN A 34 16.23 9.42 2.10
N ILE A 35 15.80 8.54 1.20
CA ILE A 35 16.22 8.53 -0.19
C ILE A 35 14.95 8.75 -1.00
N LEU A 36 14.95 9.77 -1.86
CA LEU A 36 13.76 10.24 -2.56
C LEU A 36 14.03 10.32 -4.06
N TYR A 37 13.07 9.87 -4.86
CA TYR A 37 13.14 9.98 -6.31
C TYR A 37 11.72 10.22 -6.81
N ARG A 38 11.49 11.39 -7.41
CA ARG A 38 10.13 11.82 -7.78
C ARG A 38 9.18 11.67 -6.60
N ALA A 39 9.68 11.93 -5.40
CA ALA A 39 8.92 11.60 -4.21
C ALA A 39 7.78 12.56 -3.94
N ASP A 40 7.72 13.70 -4.63
CA ASP A 40 6.60 14.61 -4.51
C ASP A 40 5.68 14.58 -5.71
N GLU A 41 5.92 13.69 -6.68
CA GLU A 41 4.98 13.53 -7.78
C GLU A 41 3.87 12.57 -7.38
N ARG A 42 2.72 12.73 -8.04
CA ARG A 42 1.58 11.88 -7.79
C ARG A 42 1.62 10.63 -8.69
N PHE A 43 1.21 9.51 -8.10
CA PHE A 43 1.06 8.23 -8.77
C PHE A 43 -0.25 7.60 -8.33
N ALA A 44 -0.92 6.93 -9.26
CA ALA A 44 -2.10 6.15 -8.92
C ALA A 44 -1.73 5.04 -7.95
N MET A 45 -2.40 5.01 -6.79
CA MET A 45 -2.07 4.06 -5.75
C MET A 45 -2.46 2.63 -6.09
N CYS A 46 -3.55 2.47 -6.83
CA CYS A 46 -4.15 1.16 -7.04
C CYS A 46 -4.33 0.48 -5.68
N SER A 47 -4.05 -0.83 -5.59
CA SER A 47 -4.37 -1.55 -4.37
C SER A 47 -3.51 -1.17 -3.17
N THR A 48 -2.47 -0.34 -3.34
CA THR A 48 -1.77 0.12 -2.14
C THR A 48 -2.66 0.97 -1.26
N SER A 49 -3.74 1.54 -1.83
CA SER A 49 -4.72 2.27 -1.04
C SER A 49 -5.45 1.42 -0.03
N LYS A 50 -5.42 0.09 -0.17
CA LYS A 50 -6.10 -0.79 0.77
C LYS A 50 -5.54 -0.66 2.18
N VAL A 51 -4.26 -0.29 2.32
CA VAL A 51 -3.71 -0.05 3.65
C VAL A 51 -4.45 1.06 4.37
N MET A 52 -4.71 2.18 3.67
N MET A 52 -4.71 2.18 3.67
CA MET A 52 -5.41 3.29 4.32
CA MET A 52 -5.40 3.29 4.32
C MET A 52 -6.83 2.90 4.71
C MET A 52 -6.83 2.93 4.70
N ALA A 53 -7.52 2.15 3.85
CA ALA A 53 -8.88 1.73 4.16
C ALA A 53 -8.91 0.81 5.38
N ALA A 54 -8.00 -0.16 5.44
CA ALA A 54 -7.96 -1.06 6.59
C ALA A 54 -7.59 -0.29 7.85
N ALA A 55 -6.66 0.66 7.73
CA ALA A 55 -6.28 1.47 8.88
C ALA A 55 -7.45 2.31 9.38
N ALA A 56 -8.28 2.83 8.47
CA ALA A 56 -9.44 3.62 8.89
C ALA A 56 -10.40 2.76 9.70
N VAL A 57 -10.62 1.52 9.28
CA VAL A 57 -11.46 0.59 10.03
C VAL A 57 -10.83 0.29 11.40
N LEU A 58 -9.52 0.04 11.43
CA LEU A 58 -8.84 -0.20 12.69
C LEU A 58 -9.00 1.00 13.62
N LYS A 59 -8.84 2.22 13.11
N LYS A 59 -8.84 2.22 13.11
CA LYS A 59 -9.02 3.41 13.93
CA LYS A 59 -9.03 3.40 13.94
C LYS A 59 -10.45 3.46 14.48
C LYS A 59 -10.45 3.46 14.48
N LYS A 60 -11.44 3.19 13.63
CA LYS A 60 -12.84 3.19 14.08
C LYS A 60 -13.04 2.16 15.19
N SER A 61 -12.35 1.02 15.12
CA SER A 61 -12.52 -0.04 16.09
C SER A 61 -11.97 0.32 17.47
N GLU A 62 -11.14 1.36 17.57
CA GLU A 62 -10.61 1.75 18.86
C GLU A 62 -11.73 2.23 19.79
N SER A 63 -12.81 2.78 19.23
N SER A 63 -12.80 2.78 19.22
CA SER A 63 -13.93 3.25 20.01
CA SER A 63 -13.94 3.27 19.98
C SER A 63 -15.17 2.38 19.85
C SER A 63 -15.14 2.35 19.89
N GLU A 64 -15.08 1.30 19.08
CA GLU A 64 -16.18 0.37 18.86
C GLU A 64 -15.59 -1.03 18.97
N PRO A 65 -15.51 -1.57 20.18
N PRO A 65 -15.57 -1.61 20.17
CA PRO A 65 -15.13 -2.97 20.32
CA PRO A 65 -14.81 -2.86 20.38
C PRO A 65 -16.19 -3.84 19.69
C PRO A 65 -15.31 -4.06 19.60
N ASN A 66 -15.75 -4.96 19.13
N ASN A 66 -16.60 -4.11 19.27
CA ASN A 66 -16.56 -5.82 18.30
CA ASN A 66 -17.14 -5.25 18.53
C ASN A 66 -16.93 -5.18 16.96
C ASN A 66 -16.94 -5.13 17.03
N LEU A 67 -16.31 -4.05 16.58
CA LEU A 67 -16.38 -3.67 15.18
C LEU A 67 -15.77 -4.74 14.28
N LEU A 68 -14.59 -5.23 14.63
CA LEU A 68 -13.94 -6.19 13.74
C LEU A 68 -14.73 -7.48 13.62
N ASN A 69 -15.58 -7.80 14.59
CA ASN A 69 -16.43 -8.99 14.51
C ASN A 69 -17.73 -8.76 13.77
N GLN A 70 -18.05 -7.52 13.39
CA GLN A 70 -19.29 -7.24 12.70
C GLN A 70 -19.35 -7.98 11.37
N ARG A 71 -20.52 -8.55 11.08
CA ARG A 71 -20.71 -9.37 9.89
C ARG A 71 -21.20 -8.51 8.73
N VAL A 72 -20.70 -8.81 7.54
CA VAL A 72 -21.02 -8.09 6.32
C VAL A 72 -21.47 -9.12 5.28
N GLU A 73 -22.66 -8.91 4.71
CA GLU A 73 -23.16 -9.81 3.68
C GLU A 73 -22.36 -9.68 2.39
N ILE A 74 -22.05 -10.82 1.77
CA ILE A 74 -21.41 -10.88 0.46
C ILE A 74 -22.46 -11.41 -0.51
N LYS A 75 -22.80 -10.61 -1.53
CA LYS A 75 -23.81 -10.95 -2.51
C LYS A 75 -23.18 -11.05 -3.90
N LYS A 76 -23.88 -11.71 -4.82
CA LYS A 76 -23.40 -11.73 -6.20
C LYS A 76 -23.21 -10.32 -6.72
N SER A 77 -24.11 -9.41 -6.34
CA SER A 77 -24.04 -8.02 -6.78
C SER A 77 -22.83 -7.28 -6.23
N ASP A 78 -22.14 -7.83 -5.25
CA ASP A 78 -20.91 -7.23 -4.74
C ASP A 78 -19.69 -7.59 -5.56
N LEU A 79 -19.76 -8.64 -6.36
CA LEU A 79 -18.56 -9.08 -7.06
C LEU A 79 -18.10 -8.01 -8.02
N VAL A 80 -16.78 -7.84 -8.12
CA VAL A 80 -16.17 -6.93 -9.06
C VAL A 80 -15.18 -7.74 -9.90
N ASN A 81 -14.01 -7.20 -10.21
CA ASN A 81 -13.11 -7.80 -11.18
C ASN A 81 -12.08 -8.75 -10.59
N TYR A 82 -11.86 -8.71 -9.28
CA TYR A 82 -10.82 -9.52 -8.65
C TYR A 82 -11.30 -9.81 -7.23
N ASN A 83 -11.80 -11.03 -7.03
CA ASN A 83 -12.55 -11.40 -5.83
C ASN A 83 -12.06 -12.74 -5.29
N PRO A 84 -10.74 -12.93 -5.12
CA PRO A 84 -10.21 -14.27 -4.79
C PRO A 84 -10.76 -14.87 -3.51
N ILE A 85 -11.05 -14.06 -2.50
CA ILE A 85 -11.61 -14.53 -1.26
C ILE A 85 -13.13 -14.38 -1.25
N ALA A 86 -13.63 -13.20 -1.62
CA ALA A 86 -15.06 -12.95 -1.53
C ALA A 86 -15.88 -13.92 -2.38
N GLU A 87 -15.34 -14.37 -3.52
CA GLU A 87 -16.11 -15.28 -4.38
C GLU A 87 -16.40 -16.59 -3.67
N LYS A 88 -15.66 -16.93 -2.62
CA LYS A 88 -15.89 -18.15 -1.85
C LYS A 88 -16.94 -17.97 -0.77
N HIS A 89 -17.42 -16.75 -0.55
CA HIS A 89 -18.33 -16.43 0.54
C HIS A 89 -19.64 -15.83 0.06
N VAL A 90 -19.93 -15.92 -1.24
CA VAL A 90 -21.18 -15.37 -1.75
C VAL A 90 -22.36 -16.03 -1.06
N ASN A 91 -23.31 -15.20 -0.63
CA ASN A 91 -24.52 -15.59 0.09
C ASN A 91 -24.29 -15.88 1.56
N GLY A 92 -23.08 -15.68 2.07
CA GLY A 92 -22.83 -15.71 3.49
C GLY A 92 -22.33 -14.36 3.94
N THR A 93 -21.82 -14.28 5.17
CA THR A 93 -21.19 -13.05 5.65
C THR A 93 -19.71 -13.30 5.92
N MET A 94 -18.96 -12.19 5.94
CA MET A 94 -17.60 -12.16 6.42
C MET A 94 -17.50 -11.07 7.48
N SER A 95 -16.63 -11.26 8.46
CA SER A 95 -16.41 -10.21 9.44
C SER A 95 -15.53 -9.10 8.84
N LEU A 96 -15.58 -7.93 9.47
CA LEU A 96 -14.70 -6.85 9.06
C LEU A 96 -13.23 -7.23 9.22
N ALA A 97 -12.88 -8.03 10.23
CA ALA A 97 -11.51 -8.54 10.33
C ALA A 97 -11.16 -9.39 9.12
N GLU A 98 -12.05 -10.30 8.74
CA GLU A 98 -11.78 -11.16 7.59
C GLU A 98 -11.67 -10.34 6.31
N LEU A 99 -12.52 -9.34 6.16
CA LEU A 99 -12.45 -8.48 4.98
C LEU A 99 -11.15 -7.68 4.97
N SER A 100 -10.71 -7.20 6.12
CA SER A 100 -9.44 -6.49 6.18
C SER A 100 -8.30 -7.41 5.76
N ALA A 101 -8.27 -8.62 6.31
CA ALA A 101 -7.23 -9.57 5.95
C ALA A 101 -7.27 -9.90 4.45
N ALA A 102 -8.48 -10.09 3.91
CA ALA A 102 -8.59 -10.44 2.50
C ALA A 102 -8.11 -9.30 1.61
N ALA A 103 -8.47 -8.06 1.97
CA ALA A 103 -8.03 -6.90 1.21
C ALA A 103 -6.51 -6.78 1.25
N LEU A 104 -5.92 -6.96 2.43
CA LEU A 104 -4.49 -6.72 2.59
C LEU A 104 -3.62 -7.87 2.13
N GLN A 105 -4.10 -9.10 2.27
CA GLN A 105 -3.23 -10.25 2.04
C GLN A 105 -3.46 -10.93 0.70
N TYR A 106 -4.65 -10.73 0.11
CA TYR A 106 -4.97 -11.26 -1.21
C TYR A 106 -5.37 -10.16 -2.18
N SER A 107 -5.39 -8.90 -1.75
CA SER A 107 -5.79 -7.78 -2.59
C SER A 107 -7.22 -7.95 -3.10
N ASP A 108 -8.09 -8.52 -2.29
CA ASP A 108 -9.47 -8.75 -2.72
C ASP A 108 -10.21 -7.41 -2.86
N ASN A 109 -10.86 -7.20 -4.02
CA ASN A 109 -11.50 -5.91 -4.28
C ASN A 109 -12.89 -5.80 -3.67
N VAL A 110 -13.63 -6.89 -3.51
CA VAL A 110 -14.88 -6.83 -2.76
C VAL A 110 -14.59 -6.40 -1.33
N ALA A 111 -13.57 -7.02 -0.75
CA ALA A 111 -13.18 -6.69 0.61
C ALA A 111 -12.86 -5.21 0.73
N MET A 112 -12.08 -4.66 -0.19
CA MET A 112 -11.82 -3.22 -0.17
C MET A 112 -13.10 -2.41 -0.23
N ASN A 113 -14.01 -2.77 -1.14
CA ASN A 113 -15.27 -2.02 -1.23
C ASN A 113 -16.04 -2.06 0.08
N LYS A 114 -16.02 -3.19 0.79
CA LYS A 114 -16.72 -3.25 2.07
C LYS A 114 -16.06 -2.39 3.12
N LEU A 115 -14.73 -2.33 3.13
CA LEU A 115 -14.04 -1.43 4.05
C LEU A 115 -14.40 0.02 3.76
N ILE A 116 -14.33 0.40 2.47
CA ILE A 116 -14.68 1.75 2.04
C ILE A 116 -16.10 2.08 2.50
N ALA A 117 -17.05 1.20 2.19
CA ALA A 117 -18.44 1.50 2.50
C ALA A 117 -18.64 1.64 4.00
N HIS A 118 -17.98 0.78 4.77
CA HIS A 118 -18.22 0.77 6.20
C HIS A 118 -17.88 2.12 6.81
N VAL A 119 -16.75 2.71 6.40
CA VAL A 119 -16.32 3.96 7.02
C VAL A 119 -16.94 5.19 6.41
N GLY A 120 -17.71 5.04 5.34
CA GLY A 120 -18.48 6.13 4.79
C GLY A 120 -18.14 6.49 3.36
N GLY A 121 -17.20 5.80 2.71
CA GLY A 121 -16.90 6.03 1.32
C GLY A 121 -15.52 6.60 1.13
N PRO A 122 -15.14 6.80 -0.14
CA PRO A 122 -13.78 7.30 -0.41
C PRO A 122 -13.44 8.60 0.27
N ALA A 123 -14.41 9.51 0.41
CA ALA A 123 -14.13 10.79 1.05
C ALA A 123 -13.85 10.61 2.53
N SER A 124 -14.43 9.58 3.14
CA SER A 124 -14.15 9.30 4.55
CA SER A 124 -14.16 9.28 4.55
C SER A 124 -12.76 8.69 4.73
N VAL A 125 -12.34 7.80 3.82
CA VAL A 125 -10.99 7.29 3.89
C VAL A 125 -10.00 8.46 3.75
N THR A 126 -10.30 9.37 2.83
CA THR A 126 -9.45 10.54 2.62
C THR A 126 -9.44 11.42 3.87
N ALA A 127 -10.60 11.64 4.51
CA ALA A 127 -10.64 12.44 5.71
C ALA A 127 -9.82 11.81 6.83
N PHE A 128 -9.78 10.47 6.90
CA PHE A 128 -8.95 9.79 7.88
C PHE A 128 -7.48 10.07 7.61
N ALA A 129 -7.06 9.99 6.35
CA ALA A 129 -5.68 10.36 6.02
C ALA A 129 -5.35 11.77 6.50
N ARG A 130 -6.27 12.72 6.25
CA ARG A 130 -6.06 14.09 6.68
C ARG A 130 -5.90 14.17 8.20
N GLN A 131 -6.72 13.40 8.92
N GLN A 131 -6.72 13.41 8.92
CA GLN A 131 -6.67 13.38 10.38
CA GLN A 131 -6.64 13.43 10.39
C GLN A 131 -5.30 12.93 10.88
C GLN A 131 -5.27 12.97 10.87
N LEU A 132 -4.62 12.08 10.13
CA LEU A 132 -3.28 11.64 10.47
C LEU A 132 -2.18 12.64 10.12
N GLY A 133 -2.50 13.69 9.37
CA GLY A 133 -1.51 14.63 8.90
C GLY A 133 -1.03 14.39 7.48
N ASP A 134 -1.70 13.52 6.72
CA ASP A 134 -1.38 13.26 5.32
C ASP A 134 -2.34 14.10 4.50
N GLU A 135 -1.83 15.16 3.91
CA GLU A 135 -2.61 16.09 3.13
C GLU A 135 -2.41 15.86 1.63
N THR A 136 -1.84 14.72 1.25
CA THR A 136 -1.56 14.38 -0.15
C THR A 136 -2.44 13.25 -0.65
N PHE A 137 -2.60 12.20 0.14
CA PHE A 137 -3.44 11.05 -0.21
C PHE A 137 -4.82 11.50 -0.65
N ARG A 138 -5.32 10.94 -1.74
CA ARG A 138 -6.73 11.10 -2.09
C ARG A 138 -7.26 9.78 -2.63
N LEU A 139 -8.32 9.28 -2.01
CA LEU A 139 -9.10 8.18 -2.55
C LEU A 139 -10.40 8.79 -3.06
N ASP A 140 -10.61 8.67 -4.37
CA ASP A 140 -11.72 9.29 -5.08
C ASP A 140 -12.84 8.31 -5.39
N ARG A 141 -12.48 7.08 -5.74
CA ARG A 141 -13.38 6.09 -6.31
C ARG A 141 -13.32 4.78 -5.52
N THR A 142 -14.31 3.92 -5.79
CA THR A 142 -14.37 2.56 -5.29
C THR A 142 -13.69 1.60 -6.28
N GLU A 143 -13.66 0.33 -5.91
CA GLU A 143 -13.20 -0.71 -6.84
C GLU A 143 -14.33 -1.05 -7.82
N PRO A 144 -14.01 -1.30 -9.08
CA PRO A 144 -12.66 -1.40 -9.64
C PRO A 144 -12.13 -0.14 -10.31
N THR A 145 -12.93 0.93 -10.37
CA THR A 145 -12.56 2.07 -11.20
C THR A 145 -11.38 2.86 -10.64
N LEU A 146 -11.05 2.70 -9.36
CA LEU A 146 -9.96 3.49 -8.79
C LEU A 146 -8.59 3.14 -9.38
N ASN A 147 -8.50 2.09 -10.20
CA ASN A 147 -7.24 1.63 -10.76
C ASN A 147 -6.98 2.07 -12.20
N THR A 148 -7.77 2.98 -12.77
CA THR A 148 -7.57 3.33 -14.18
C THR A 148 -6.17 3.90 -14.45
N ALA A 149 -5.63 4.70 -13.53
CA ALA A 149 -4.24 5.15 -13.55
C ALA A 149 -3.92 5.91 -14.84
N ILE A 150 -4.84 6.76 -15.28
CA ILE A 150 -4.64 7.53 -16.52
C ILE A 150 -3.59 8.60 -16.29
N PRO A 151 -2.60 8.75 -17.17
CA PRO A 151 -1.59 9.79 -16.97
C PRO A 151 -2.23 11.17 -16.90
N GLY A 152 -1.77 11.99 -15.96
CA GLY A 152 -2.30 13.31 -15.73
C GLY A 152 -3.51 13.37 -14.82
N ASP A 153 -4.08 12.23 -14.45
CA ASP A 153 -5.31 12.19 -13.66
C ASP A 153 -4.94 12.12 -12.19
N PRO A 154 -5.33 13.11 -11.36
CA PRO A 154 -4.96 13.05 -9.94
C PRO A 154 -5.85 12.15 -9.09
N ARG A 155 -6.91 11.60 -9.66
CA ARG A 155 -7.79 10.76 -8.84
C ARG A 155 -7.04 9.56 -8.28
N ASP A 156 -7.30 9.25 -7.01
CA ASP A 156 -6.80 8.00 -6.41
C ASP A 156 -5.28 7.93 -6.43
N THR A 157 -4.65 9.08 -6.14
CA THR A 157 -3.20 9.19 -6.14
C THR A 157 -2.66 9.59 -4.77
N THR A 158 -1.37 9.36 -4.61
CA THR A 158 -0.59 10.01 -3.56
C THR A 158 0.83 10.16 -4.07
N SER A 159 1.71 10.71 -3.23
CA SER A 159 3.12 10.80 -3.56
C SER A 159 3.91 9.77 -2.77
N PRO A 160 5.08 9.37 -3.27
CA PRO A 160 5.91 8.44 -2.49
C PRO A 160 6.29 8.99 -1.12
N ARG A 161 6.65 10.27 -1.04
CA ARG A 161 7.00 10.84 0.25
C ARG A 161 5.86 10.73 1.25
N ALA A 162 4.65 11.14 0.82
CA ALA A 162 3.51 11.13 1.72
C ALA A 162 3.18 9.72 2.16
N MET A 163 3.18 8.76 1.23
N MET A 163 3.18 8.76 1.23
CA MET A 163 2.80 7.40 1.59
CA MET A 163 2.80 7.41 1.60
C MET A 163 3.84 6.73 2.47
C MET A 163 3.84 6.79 2.52
N ALA A 164 5.12 7.07 2.29
CA ALA A 164 6.15 6.53 3.17
C ALA A 164 5.98 7.09 4.58
N GLN A 165 5.79 8.42 4.67
CA GLN A 165 5.63 9.03 5.98
C GLN A 165 4.40 8.50 6.68
N THR A 166 3.30 8.34 5.93
CA THR A 166 2.09 7.81 6.55
C THR A 166 2.25 6.35 6.94
N LEU A 167 2.88 5.55 6.08
CA LEU A 167 3.06 4.14 6.44
C LEU A 167 3.96 4.03 7.67
N ARG A 168 4.96 4.89 7.79
N ARG A 168 4.99 4.89 7.79
CA ARG A 168 5.77 4.89 9.00
CA ARG A 168 5.78 4.93 9.01
C ARG A 168 4.91 5.16 10.23
C ARG A 168 4.88 5.14 10.21
N ASN A 169 4.02 6.15 10.14
CA ASN A 169 3.13 6.47 11.25
C ASN A 169 2.24 5.28 11.61
N LEU A 170 1.66 4.64 10.59
CA LEU A 170 0.74 3.53 10.80
C LEU A 170 1.41 2.30 11.40
N THR A 171 2.62 1.95 10.94
CA THR A 171 3.23 0.67 11.30
C THR A 171 4.26 0.79 12.40
N LEU A 172 4.97 1.91 12.52
CA LEU A 172 6.01 2.11 13.50
C LEU A 172 5.71 3.23 14.48
N GLY A 173 4.84 4.16 14.10
CA GLY A 173 4.43 5.26 14.93
C GLY A 173 3.14 4.98 15.67
N LYS A 174 2.44 6.06 16.01
CA LYS A 174 1.36 6.03 16.99
C LYS A 174 0.01 6.43 16.37
N ALA A 175 -0.13 6.32 15.06
CA ALA A 175 -1.42 6.62 14.44
C ALA A 175 -2.53 5.75 15.03
N LEU A 176 -2.23 4.49 15.28
CA LEU A 176 -3.18 3.51 15.77
C LEU A 176 -2.79 3.09 17.18
N GLY A 177 -3.78 2.65 17.96
CA GLY A 177 -3.48 2.08 19.26
C GLY A 177 -2.64 0.84 19.13
N ASP A 178 -2.02 0.41 20.25
CA ASP A 178 -1.05 -0.67 20.16
C ASP A 178 -1.65 -1.93 19.56
N SER A 179 -2.85 -2.32 20.00
CA SER A 179 -3.48 -3.52 19.46
C SER A 179 -3.69 -3.36 17.95
N GLN A 180 -4.18 -2.19 17.55
CA GLN A 180 -4.54 -1.98 16.15
C GLN A 180 -3.31 -1.90 15.27
N ARG A 181 -2.26 -1.21 15.73
CA ARG A 181 -1.00 -1.17 15.02
CA ARG A 181 -1.00 -1.17 15.02
C ARG A 181 -0.44 -2.59 14.83
N ALA A 182 -0.43 -3.37 15.90
CA ALA A 182 0.08 -4.73 15.79
C ALA A 182 -0.74 -5.53 14.79
N GLN A 183 -2.07 -5.33 14.78
CA GLN A 183 -2.91 -6.05 13.84
C GLN A 183 -2.59 -5.68 12.39
N LEU A 184 -2.41 -4.39 12.12
CA LEU A 184 -2.04 -3.97 10.78
C LEU A 184 -0.72 -4.60 10.34
N VAL A 185 0.28 -4.56 11.23
CA VAL A 185 1.58 -5.13 10.90
C VAL A 185 1.47 -6.63 10.68
N THR A 186 0.72 -7.31 11.55
CA THR A 186 0.53 -8.75 11.36
C THR A 186 -0.12 -9.04 10.02
N TRP A 187 -1.14 -8.28 9.66
CA TRP A 187 -1.79 -8.51 8.38
C TRP A 187 -0.82 -8.30 7.22
N MET A 188 -0.06 -7.20 7.26
CA MET A 188 0.87 -6.90 6.16
C MET A 188 2.00 -7.93 6.08
N LYS A 189 2.49 -8.42 7.22
CA LYS A 189 3.52 -9.45 7.22
C LYS A 189 3.01 -10.75 6.62
N GLY A 190 1.71 -10.98 6.65
CA GLY A 190 1.10 -12.15 6.07
C GLY A 190 0.64 -11.97 4.64
N ASN A 191 1.00 -10.87 4.00
CA ASN A 191 0.63 -10.66 2.61
C ASN A 191 1.14 -11.81 1.74
N THR A 192 0.30 -12.25 0.80
CA THR A 192 0.69 -13.31 -0.13
C THR A 192 1.07 -12.81 -1.51
N THR A 193 0.95 -11.51 -1.80
CA THR A 193 1.05 -11.00 -3.17
C THR A 193 2.35 -10.27 -3.48
N GLY A 194 3.29 -10.16 -2.54
CA GLY A 194 4.40 -9.25 -2.68
C GLY A 194 5.77 -9.85 -2.92
N ALA A 195 5.88 -11.16 -3.11
CA ALA A 195 7.19 -11.79 -3.14
C ALA A 195 8.02 -11.37 -4.35
N ALA A 196 7.40 -10.92 -5.45
CA ALA A 196 8.13 -10.50 -6.63
C ALA A 196 8.44 -9.01 -6.66
N SER A 197 8.01 -8.25 -5.66
CA SER A 197 8.15 -6.80 -5.67
C SER A 197 9.28 -6.38 -4.74
N ILE A 198 9.03 -5.53 -3.75
CA ILE A 198 10.12 -5.08 -2.88
C ILE A 198 10.90 -6.25 -2.29
N GLN A 199 10.19 -7.28 -1.83
N GLN A 199 10.20 -7.29 -1.85
CA GLN A 199 10.84 -8.46 -1.24
CA GLN A 199 10.86 -8.43 -1.22
C GLN A 199 11.91 -9.05 -2.16
C GLN A 199 11.89 -9.08 -2.15
N ALA A 200 11.66 -9.01 -3.47
CA ALA A 200 12.59 -9.64 -4.42
C ALA A 200 13.91 -8.88 -4.53
N GLY A 201 13.98 -7.65 -4.03
CA GLY A 201 15.19 -6.87 -4.05
C GLY A 201 15.93 -6.81 -2.74
N LEU A 202 15.49 -7.56 -1.74
CA LEU A 202 16.07 -7.56 -0.40
C LEU A 202 16.61 -8.94 -0.08
N PRO A 203 17.59 -9.03 0.83
CA PRO A 203 18.05 -10.35 1.28
C PRO A 203 16.91 -11.19 1.81
N ALA A 204 17.05 -12.51 1.65
CA ALA A 204 16.03 -13.45 2.05
C ALA A 204 15.75 -13.40 3.55
N SER A 205 16.74 -13.01 4.36
CA SER A 205 16.58 -13.02 5.81
C SER A 205 15.76 -11.84 6.33
N TRP A 206 15.54 -10.81 5.52
CA TRP A 206 14.84 -9.63 6.02
C TRP A 206 13.35 -9.90 6.08
N VAL A 207 12.69 -9.29 7.05
CA VAL A 207 11.27 -9.48 7.29
C VAL A 207 10.52 -8.30 6.70
N VAL A 208 9.46 -8.58 5.96
CA VAL A 208 8.74 -7.54 5.20
C VAL A 208 7.26 -7.67 5.46
N GLY A 209 6.60 -6.54 5.73
CA GLY A 209 5.16 -6.43 5.58
C GLY A 209 4.90 -5.45 4.46
N ASP A 210 4.15 -5.84 3.44
CA ASP A 210 3.97 -4.98 2.28
C ASP A 210 2.56 -5.09 1.75
N LYS A 211 2.20 -4.12 0.92
CA LYS A 211 0.98 -4.15 0.14
C LYS A 211 1.30 -3.72 -1.28
N THR A 212 0.99 -4.59 -2.25
CA THR A 212 1.22 -4.31 -3.66
C THR A 212 0.03 -3.57 -4.27
N GLY A 213 0.29 -3.01 -5.44
CA GLY A 213 -0.77 -2.52 -6.30
C GLY A 213 -0.45 -2.71 -7.77
N SER A 214 -1.49 -2.89 -8.56
N SER A 214 -1.50 -2.91 -8.55
N SER A 214 -1.51 -2.87 -8.55
CA SER A 214 -1.36 -2.94 -10.00
CA SER A 214 -1.43 -3.06 -10.00
CA SER A 214 -1.43 -3.06 -10.00
C SER A 214 -2.62 -2.35 -10.61
C SER A 214 -2.64 -2.34 -10.61
C SER A 214 -2.64 -2.37 -10.62
N GLY A 215 -2.46 -1.77 -11.79
CA GLY A 215 -3.57 -1.13 -12.45
C GLY A 215 -3.29 -0.81 -13.90
N GLY A 216 -4.11 0.07 -14.46
CA GLY A 216 -3.95 0.48 -15.83
C GLY A 216 -2.60 1.13 -16.06
N TYR A 217 -2.26 1.25 -17.34
CA TYR A 217 -0.98 1.85 -17.73
C TYR A 217 0.20 1.11 -17.10
N GLY A 218 0.05 -0.19 -16.91
CA GLY A 218 1.13 -0.99 -16.38
C GLY A 218 1.58 -0.54 -15.02
N THR A 219 0.67 0.07 -14.25
CA THR A 219 1.05 0.60 -12.95
C THR A 219 1.35 -0.56 -12.03
N THR A 220 2.51 -0.49 -11.36
CA THR A 220 3.04 -1.57 -10.54
C THR A 220 3.65 -0.90 -9.32
N ASN A 221 3.08 -1.18 -8.15
CA ASN A 221 3.41 -0.47 -6.92
C ASN A 221 3.65 -1.44 -5.78
N ASP A 222 4.35 -0.97 -4.74
CA ASP A 222 4.48 -1.72 -3.50
C ASP A 222 4.86 -0.74 -2.42
N ILE A 223 4.30 -0.94 -1.22
CA ILE A 223 4.65 -0.16 -0.04
C ILE A 223 4.97 -1.15 1.07
N ALA A 224 6.05 -0.89 1.82
CA ALA A 224 6.53 -1.89 2.77
C ALA A 224 7.10 -1.27 4.03
N VAL A 225 6.93 -2.01 5.11
CA VAL A 225 7.73 -1.86 6.33
C VAL A 225 8.69 -3.05 6.36
N ILE A 226 9.96 -2.77 6.66
CA ILE A 226 11.04 -3.74 6.51
C ILE A 226 11.84 -3.79 7.80
N TRP A 227 12.09 -5.01 8.28
CA TRP A 227 12.97 -5.24 9.43
C TRP A 227 14.20 -5.94 8.91
N PRO A 228 15.26 -5.21 8.58
CA PRO A 228 16.49 -5.86 8.15
C PRO A 228 17.12 -6.58 9.32
N LYS A 229 17.92 -7.59 9.00
CA LYS A 229 18.56 -8.35 10.06
C LYS A 229 19.44 -7.43 10.91
N ASP A 230 19.13 -7.40 12.22
CA ASP A 230 19.91 -6.64 13.22
C ASP A 230 20.02 -5.14 12.91
N ARG A 231 18.99 -4.56 12.30
N ARG A 231 18.99 -4.57 12.32
CA ARG A 231 19.00 -3.15 11.99
CA ARG A 231 19.00 -3.14 11.99
C ARG A 231 17.66 -2.52 12.36
C ARG A 231 17.65 -2.52 12.35
N ALA A 232 17.67 -1.20 12.50
CA ALA A 232 16.43 -0.48 12.71
C ALA A 232 15.55 -0.62 11.46
N PRO A 233 14.24 -0.52 11.62
CA PRO A 233 13.37 -0.74 10.47
C PRO A 233 13.46 0.36 9.41
N LEU A 234 13.03 -0.01 8.22
CA LEU A 234 12.91 0.88 7.08
C LEU A 234 11.45 0.94 6.63
N ILE A 235 11.10 2.03 5.98
CA ILE A 235 9.85 2.14 5.24
C ILE A 235 10.23 2.42 3.79
N LEU A 236 9.63 1.68 2.86
CA LEU A 236 9.95 1.88 1.45
C LEU A 236 8.66 1.89 0.62
N VAL A 237 8.51 2.93 -0.20
CA VAL A 237 7.48 3.03 -1.21
C VAL A 237 8.16 3.02 -2.57
N THR A 238 7.69 2.15 -3.46
CA THR A 238 8.12 2.10 -4.85
C THR A 238 6.87 2.11 -5.71
N TYR A 239 6.71 3.17 -6.50
N TYR A 239 6.62 3.22 -6.40
CA TYR A 239 5.58 3.37 -7.39
CA TYR A 239 5.57 3.32 -7.40
C TYR A 239 6.11 3.45 -8.82
C TYR A 239 6.18 3.27 -8.79
N PHE A 240 5.38 2.84 -9.76
CA PHE A 240 5.86 2.79 -11.13
C PHE A 240 4.67 2.78 -12.06
N THR A 241 4.74 3.56 -13.15
CA THR A 241 3.67 3.59 -14.12
C THR A 241 4.25 3.85 -15.50
N GLN A 242 3.50 3.48 -16.52
CA GLN A 242 4.04 3.37 -17.86
C GLN A 242 3.20 4.14 -18.87
N PRO A 243 3.75 4.39 -20.07
CA PRO A 243 3.04 5.26 -21.03
C PRO A 243 1.87 4.59 -21.75
N GLN A 244 1.86 3.27 -21.87
CA GLN A 244 0.89 2.59 -22.72
C GLN A 244 -0.26 2.07 -21.91
N PRO A 245 -1.51 2.27 -22.35
CA PRO A 245 -2.65 1.83 -21.52
C PRO A 245 -2.61 0.36 -21.16
N LYS A 246 -2.16 -0.52 -22.07
CA LYS A 246 -2.14 -1.95 -21.84
C LYS A 246 -0.74 -2.47 -21.50
N ALA A 247 0.15 -1.62 -21.01
CA ALA A 247 1.45 -2.09 -20.60
C ALA A 247 1.32 -3.19 -19.55
N GLU A 248 2.26 -4.13 -19.60
CA GLU A 248 2.30 -5.22 -18.64
C GLU A 248 2.98 -4.80 -17.35
N SER A 249 2.70 -5.54 -16.29
N SER A 249 2.72 -5.58 -16.30
CA SER A 249 3.28 -5.22 -14.99
CA SER A 249 3.31 -5.34 -14.99
C SER A 249 4.80 -5.40 -15.01
C SER A 249 4.83 -5.37 -15.06
N ARG A 250 5.47 -4.61 -14.17
CA ARG A 250 6.93 -4.59 -14.08
C ARG A 250 7.36 -4.67 -12.60
N ARG A 251 7.03 -5.78 -11.96
N ARG A 251 7.03 -5.78 -11.95
CA ARG A 251 7.43 -5.97 -10.57
CA ARG A 251 7.44 -5.96 -10.56
C ARG A 251 8.95 -5.99 -10.43
C ARG A 251 8.94 -5.97 -10.43
N ASP A 252 9.66 -6.41 -11.48
CA ASP A 252 11.12 -6.39 -11.45
C ASP A 252 11.68 -4.99 -11.25
N VAL A 253 10.99 -3.97 -11.74
CA VAL A 253 11.46 -2.60 -11.54
C VAL A 253 11.42 -2.23 -10.06
N LEU A 254 10.37 -2.67 -9.35
CA LEU A 254 10.27 -2.39 -7.93
C LEU A 254 11.37 -3.12 -7.17
N ALA A 255 11.61 -4.39 -7.52
CA ALA A 255 12.69 -5.14 -6.91
C ALA A 255 14.03 -4.45 -7.12
N SER A 256 14.28 -3.99 -8.35
CA SER A 256 15.54 -3.32 -8.65
C SER A 256 15.68 -2.04 -7.85
N ALA A 257 14.60 -1.26 -7.72
CA ALA A 257 14.67 -0.03 -6.93
C ALA A 257 14.96 -0.34 -5.47
N ALA A 258 14.33 -1.38 -4.93
CA ALA A 258 14.57 -1.77 -3.54
C ALA A 258 16.02 -2.15 -3.33
N LYS A 259 16.60 -2.91 -4.26
CA LYS A 259 18.01 -3.28 -4.15
C LYS A 259 18.90 -2.05 -4.18
N ILE A 260 18.62 -1.12 -5.10
CA ILE A 260 19.46 0.08 -5.22
C ILE A 260 19.47 0.87 -3.92
N VAL A 261 18.30 1.08 -3.31
CA VAL A 261 18.24 1.99 -2.16
C VAL A 261 18.64 1.33 -0.86
N THR A 262 18.77 0.00 -0.82
CA THR A 262 19.21 -0.69 0.39
C THR A 262 20.63 -1.25 0.29
N ASP A 263 21.27 -1.14 -0.87
N ASP A 263 21.25 -1.17 -0.89
CA ASP A 263 22.64 -1.61 -1.01
CA ASP A 263 22.66 -1.56 -1.01
C ASP A 263 23.56 -0.85 -0.06
C ASP A 263 23.48 -0.83 0.04
N GLY A 264 24.31 -1.59 0.75
CA GLY A 264 25.15 -1.03 1.79
C GLY A 264 24.60 -1.25 3.19
N LEU A 265 23.28 -1.39 3.32
CA LEU A 265 22.69 -1.81 4.59
C LEU A 265 22.75 -3.33 4.65
C1 6M9 B . -6.00 -4.53 -7.79
C2 6M9 B . -6.96 -3.85 -8.55
C3 6M9 B . -7.70 -4.50 -9.53
C4 6M9 B . -7.49 -5.83 -9.79
C5 6M9 B . -6.55 -6.54 -9.07
C6 6M9 B . -5.81 -5.89 -8.08
C7 6M9 B . -4.69 -6.45 -7.26
O1 6M9 B . -4.18 -5.35 -6.45
O2 6M9 B . -3.99 -3.08 -7.38
B1 6M9 B . -4.92 -4.07 -6.72
H1 6M9 B . -7.13 -2.91 -8.37
H2 6M9 B . -8.36 -4.00 -10.05
H3 6M9 B . -8.01 -6.28 -10.48
H4 6M9 B . -6.41 -7.49 -9.24
H5 6M9 B . -3.98 -6.79 -7.84
H6 6M9 B . -4.46 -2.69 -7.97
H7 6M9 B . -5.02 -7.17 -6.69
S DMS C . 9.22 10.52 -16.35
O DMS C . 10.26 9.61 -16.95
C1 DMS C . 7.67 10.43 -17.25
C2 DMS C . 9.61 12.23 -16.82
H11 DMS C . 7.01 9.75 -16.77
H12 DMS C . 7.85 10.09 -18.24
H13 DMS C . 7.22 11.38 -17.29
H21 DMS C . 8.85 12.87 -16.47
H22 DMS C . 9.68 12.30 -17.87
H23 DMS C . 10.53 12.51 -16.39
C1 GOL D . 19.63 -8.50 -2.50
O1 GOL D . 20.58 -9.09 -1.67
C2 GOL D . 19.09 -9.62 -3.38
O2 GOL D . 18.62 -10.68 -2.63
C3 GOL D . 17.98 -8.98 -4.23
O3 GOL D . 18.03 -9.57 -5.50
H11 GOL D . 20.01 -7.80 -3.06
H12 GOL D . 18.91 -8.09 -2.01
HO1 GOL D . 20.15 -9.43 -1.03
H2 GOL D . 19.79 -9.98 -3.96
HO2 GOL D . 18.40 -10.38 -1.86
H31 GOL D . 18.11 -8.02 -4.25
H32 GOL D . 17.12 -9.12 -3.79
HO3 GOL D . 17.93 -10.40 -5.39
S DMS E . -1.10 12.95 -12.20
O DMS E . -1.06 11.53 -11.70
C1 DMS E . -1.71 13.99 -10.83
C2 DMS E . 0.60 13.56 -12.25
H11 DMS E . -1.01 14.76 -10.64
H12 DMS E . -1.82 13.40 -9.96
H13 DMS E . -2.64 14.41 -11.10
H21 DMS E . 0.60 14.62 -12.34
H22 DMS E . 1.11 13.14 -13.08
H23 DMS E . 1.10 13.29 -11.36
S SO4 F . -24.54 -6.08 5.52
O1 SO4 F . -23.44 -5.70 4.65
O2 SO4 F . -24.28 -7.41 6.05
O3 SO4 F . -24.60 -5.13 6.63
O4 SO4 F . -25.80 -6.05 4.79
S SO4 G . 12.17 15.03 -15.45
O1 SO4 G . 11.22 14.80 -16.54
O2 SO4 G . 13.10 13.92 -15.37
O3 SO4 G . 11.44 15.17 -14.19
O4 SO4 G . 12.91 16.27 -15.72
S SO4 H . -8.88 17.79 0.34
O1 SO4 H . -9.06 19.01 -0.46
O2 SO4 H . -8.43 16.67 -0.51
O3 SO4 H . -7.92 18.03 1.40
O4 SO4 H . -10.19 17.44 0.90
S SO4 I . -15.13 6.88 -13.71
O1 SO4 I . -16.04 6.19 -14.61
O2 SO4 I . -13.99 6.03 -13.38
O3 SO4 I . -15.83 7.23 -12.48
O4 SO4 I . -14.66 8.12 -14.36
S SO4 J . 0.65 -9.76 -14.28
O1 SO4 J . 1.94 -9.41 -14.84
O2 SO4 J . -0.35 -9.78 -15.33
O3 SO4 J . 0.26 -8.77 -13.28
O4 SO4 J . 0.73 -11.07 -13.64
CL CL K . 19.89 -13.44 0.30
NA NA L . -0.31 8.88 1.18
NA NA M . 7.34 -6.99 -1.30
NA NA N . -1.60 -5.92 -6.18
S SO4 O . -2.20 -6.30 -6.82
O1 SO4 O . -0.98 -5.52 -6.92
O2 SO4 O . -2.52 -6.86 -8.13
O3 SO4 O . -1.97 -7.34 -5.83
O4 SO4 O . -3.31 -5.47 -6.32
#